data_7QWU
#
_entry.id   7QWU
#
_cell.length_a   37.521
_cell.length_b   34.905
_cell.length_c   37.564
_cell.angle_alpha   90.000
_cell.angle_beta   92.140
_cell.angle_gamma   90.000
#
_symmetry.space_group_name_H-M   'P 1 21 1'
#
loop_
_entity.id
_entity.type
_entity.pdbx_description
1 polymer 'Bromodomain adjacent to zinc finger domain protein 2A'
2 non-polymer 1-[5-[2-(3-azanylpropyl)-1,3-thiazol-4-yl]-4-ethyl-2-methyl-1~{H}-pyrrol-3-yl]ethanone
3 non-polymer 1,2-ETHANEDIOL
4 water water
#
_entity_poly.entity_id   1
_entity_poly.type   'polypeptide(L)'
_entity_poly.pdbx_seq_one_letter_code
;SMHSDLTFCEIILMEMESHDAAWPFLEPVNPRLVSGYRRIIKNPMDFSTMRHRLSRGGYTSSEEFAADALLVFDNCQTFN
EDDSEVGKAGHIMRRFFESRWEEFY
;
_entity_poly.pdbx_strand_id   A
#
# COMPACT_ATOMS: atom_id res chain seq x y z
N HIS A 3 -4.26 -0.63 -20.01
CA HIS A 3 -2.98 -0.05 -19.67
C HIS A 3 -3.11 1.44 -19.37
N SER A 4 -3.43 2.22 -20.41
CA SER A 4 -3.49 3.67 -20.26
C SER A 4 -4.65 4.09 -19.37
N ASP A 5 -5.74 3.32 -19.34
CA ASP A 5 -6.90 3.73 -18.57
C ASP A 5 -6.67 3.66 -17.07
N LEU A 6 -5.65 2.94 -16.62
CA LEU A 6 -5.30 2.93 -15.20
C LEU A 6 -4.26 3.98 -14.84
N THR A 7 -3.99 4.93 -15.74
CA THR A 7 -3.00 5.97 -15.46
C THR A 7 -3.27 6.66 -14.13
N PHE A 8 -4.54 6.86 -13.77
CA PHE A 8 -4.83 7.58 -12.53
C PHE A 8 -4.46 6.75 -11.30
N CYS A 9 -4.55 5.43 -11.37
CA CYS A 9 -4.00 4.60 -10.30
C CYS A 9 -2.49 4.71 -10.25
N GLU A 10 -1.87 4.90 -11.39
CA GLU A 10 -0.39 5.08 -11.42
C GLU A 10 -0.07 6.40 -10.70
N ILE A 11 -0.86 7.43 -10.96
CA ILE A 11 -0.65 8.71 -10.30
C ILE A 11 -0.87 8.58 -8.80
N ILE A 12 -1.96 7.92 -8.40
CA ILE A 12 -2.22 7.75 -6.97
C ILE A 12 -1.05 7.01 -6.31
N LEU A 13 -0.56 5.96 -6.96
CA LEU A 13 0.55 5.20 -6.39
C LEU A 13 1.80 6.06 -6.23
N MET A 14 2.09 6.91 -7.22
CA MET A 14 3.24 7.79 -7.14
CA MET A 14 3.25 7.79 -7.12
C MET A 14 3.10 8.77 -5.97
N GLU A 15 1.93 9.39 -5.87
CA GLU A 15 1.65 10.28 -4.75
C GLU A 15 1.78 9.56 -3.42
N MET A 16 1.31 8.32 -3.35
CA MET A 16 1.53 7.53 -2.13
C MET A 16 3.02 7.27 -1.90
N GLU A 17 3.76 6.89 -2.94
CA GLU A 17 5.18 6.56 -2.77
C GLU A 17 5.99 7.78 -2.35
N SER A 18 5.58 8.97 -2.76
CA SER A 18 6.28 10.20 -2.46
C SER A 18 5.81 10.84 -1.16
N HIS A 19 4.82 10.24 -0.51
CA HIS A 19 4.25 10.81 0.71
C HIS A 19 5.21 10.67 1.89
N ASP A 20 5.21 11.68 2.77
CA ASP A 20 6.12 11.62 3.91
C ASP A 20 5.88 10.40 4.78
N ALA A 21 4.63 9.92 4.87
CA ALA A 21 4.30 8.80 5.74
C ALA A 21 4.37 7.45 5.05
N ALA A 22 4.92 7.39 3.84
CA ALA A 22 4.94 6.17 3.06
C ALA A 22 6.11 5.26 3.38
N TRP A 23 7.08 5.72 4.15
CA TRP A 23 8.34 5.02 4.34
C TRP A 23 8.21 3.56 4.80
N PRO A 24 7.22 3.16 5.61
CA PRO A 24 7.16 1.73 5.99
C PRO A 24 6.67 0.82 4.90
N PHE A 25 6.11 1.38 3.82
CA PHE A 25 5.30 0.64 2.87
C PHE A 25 5.92 0.55 1.49
N LEU A 26 7.15 1.01 1.31
CA LEU A 26 7.72 1.09 -0.03
C LEU A 26 8.15 -0.27 -0.55
N GLU A 27 8.60 -1.17 0.31
CA GLU A 27 9.06 -2.49 -0.10
CA GLU A 27 9.10 -2.48 -0.08
C GLU A 27 8.52 -3.54 0.83
N PRO A 28 8.54 -4.82 0.43
CA PRO A 28 7.98 -5.87 1.29
C PRO A 28 8.69 -5.93 2.63
N VAL A 29 7.91 -6.26 3.66
CA VAL A 29 8.47 -6.41 5.00
C VAL A 29 9.41 -7.61 5.01
N ASN A 30 10.58 -7.43 5.60
CA ASN A 30 11.62 -8.45 5.58
C ASN A 30 11.41 -9.41 6.75
N PRO A 31 11.13 -10.69 6.49
CA PRO A 31 10.95 -11.63 7.59
C PRO A 31 12.20 -11.87 8.42
N ARG A 32 13.38 -11.51 7.93
CA ARG A 32 14.56 -11.64 8.77
C ARG A 32 14.71 -10.46 9.72
N LEU A 33 13.95 -9.40 9.50
CA LEU A 33 13.95 -8.20 10.33
C LEU A 33 12.72 -8.09 11.22
N VAL A 34 11.64 -8.80 10.90
CA VAL A 34 10.40 -8.71 11.65
C VAL A 34 9.95 -10.13 11.94
N SER A 35 10.16 -10.59 13.17
CA SER A 35 10.01 -12.00 13.48
C SER A 35 8.55 -12.42 13.34
N GLY A 36 8.33 -13.49 12.57
CA GLY A 36 6.99 -14.02 12.43
C GLY A 36 6.03 -13.14 11.66
N TYR A 37 6.54 -12.15 10.91
CA TYR A 37 5.63 -11.25 10.21
C TYR A 37 4.75 -12.00 9.23
N ARG A 38 5.34 -12.81 8.36
CA ARG A 38 4.54 -13.54 7.39
C ARG A 38 3.79 -14.72 8.01
N ARG A 39 4.18 -15.15 9.21
CA ARG A 39 3.32 -16.07 9.95
C ARG A 39 1.99 -15.41 10.29
N ILE A 40 2.03 -14.16 10.73
CA ILE A 40 0.81 -13.51 11.19
C ILE A 40 0.03 -12.93 10.02
N ILE A 41 0.73 -12.37 9.04
CA ILE A 41 0.12 -11.72 7.89
C ILE A 41 0.18 -12.68 6.71
N LYS A 42 -0.96 -13.27 6.34
CA LYS A 42 -0.96 -14.27 5.27
C LYS A 42 -0.69 -13.64 3.90
N ASN A 43 -1.14 -12.41 3.69
CA ASN A 43 -1.10 -11.77 2.38
C ASN A 43 -0.41 -10.41 2.48
N PRO A 44 0.92 -10.41 2.60
CA PRO A 44 1.65 -9.14 2.65
C PRO A 44 1.44 -8.33 1.39
N MET A 45 1.62 -7.02 1.51
CA MET A 45 1.45 -6.14 0.34
C MET A 45 2.19 -4.84 0.60
N ASP A 46 2.73 -4.27 -0.47
CA ASP A 46 3.54 -3.07 -0.36
C ASP A 46 3.48 -2.31 -1.67
N PHE A 47 3.93 -1.05 -1.65
CA PHE A 47 3.81 -0.21 -2.84
C PHE A 47 4.67 -0.69 -4.02
N SER A 48 5.87 -1.23 -3.78
CA SER A 48 6.68 -1.70 -4.90
CA SER A 48 6.67 -1.71 -4.90
C SER A 48 5.99 -2.87 -5.60
N THR A 49 5.35 -3.76 -4.83
CA THR A 49 4.65 -4.88 -5.42
C THR A 49 3.48 -4.40 -6.27
N MET A 50 2.74 -3.40 -5.77
CA MET A 50 1.67 -2.80 -6.56
C MET A 50 2.21 -2.11 -7.81
N ARG A 51 3.35 -1.42 -7.68
CA ARG A 51 3.92 -0.73 -8.83
C ARG A 51 4.29 -1.74 -9.92
N HIS A 52 4.91 -2.86 -9.52
CA HIS A 52 5.27 -3.86 -10.51
C HIS A 52 4.04 -4.46 -11.17
N ARG A 53 2.95 -4.62 -10.40
CA ARG A 53 1.72 -5.19 -10.96
C ARG A 53 1.06 -4.22 -11.93
N LEU A 54 1.08 -2.92 -11.60
CA LEU A 54 0.58 -1.92 -12.53
C LEU A 54 1.45 -1.85 -13.78
N SER A 55 2.77 -1.95 -13.62
CA SER A 55 3.68 -1.78 -14.74
C SER A 55 3.52 -2.90 -15.77
N ARG A 56 3.18 -4.11 -15.34
CA ARG A 56 2.99 -5.21 -16.27
C ARG A 56 1.56 -5.35 -16.76
N GLY A 57 0.66 -4.45 -16.36
CA GLY A 57 -0.72 -4.59 -16.75
C GLY A 57 -1.45 -5.70 -16.04
N GLY A 58 -1.03 -6.03 -14.82
CA GLY A 58 -1.59 -7.12 -14.04
C GLY A 58 -2.81 -6.79 -13.21
N TYR A 59 -3.26 -5.54 -13.23
CA TYR A 59 -4.53 -5.19 -12.59
C TYR A 59 -5.62 -5.17 -13.66
N THR A 60 -6.62 -6.04 -13.49
CA THR A 60 -7.72 -6.06 -14.45
C THR A 60 -8.74 -4.96 -14.20
N SER A 61 -8.68 -4.28 -13.07
CA SER A 61 -9.62 -3.20 -12.75
C SER A 61 -8.98 -2.28 -11.73
N SER A 62 -9.56 -1.08 -11.61
CA SER A 62 -9.10 -0.18 -10.56
C SER A 62 -9.49 -0.68 -9.17
N GLU A 63 -10.58 -1.45 -9.08
CA GLU A 63 -11.01 -2.01 -7.81
C GLU A 63 -9.98 -2.97 -7.24
N GLU A 64 -9.32 -3.74 -8.11
CA GLU A 64 -8.27 -4.66 -7.66
C GLU A 64 -7.08 -3.90 -7.07
N PHE A 65 -6.74 -2.79 -7.71
CA PHE A 65 -5.67 -1.92 -7.24
C PHE A 65 -6.03 -1.35 -5.87
N ALA A 66 -7.26 -0.85 -5.73
CA ALA A 66 -7.71 -0.32 -4.45
C ALA A 66 -7.67 -1.38 -3.36
N ALA A 67 -8.03 -2.63 -3.69
CA ALA A 67 -7.99 -3.70 -2.70
C ALA A 67 -6.58 -3.94 -2.20
N ASP A 68 -5.58 -3.89 -3.11
CA ASP A 68 -4.20 -4.04 -2.67
C ASP A 68 -3.77 -2.88 -1.77
N ALA A 69 -4.21 -1.66 -2.11
CA ALA A 69 -3.88 -0.52 -1.26
C ALA A 69 -4.43 -0.71 0.14
N LEU A 70 -5.70 -1.12 0.25
CA LEU A 70 -6.30 -1.34 1.56
C LEU A 70 -5.59 -2.46 2.31
N LEU A 71 -5.10 -3.47 1.57
CA LEU A 71 -4.41 -4.58 2.19
C LEU A 71 -3.14 -4.10 2.88
N VAL A 72 -2.43 -3.14 2.28
CA VAL A 72 -1.25 -2.55 2.94
C VAL A 72 -1.63 -2.01 4.31
N PHE A 73 -2.75 -1.31 4.41
CA PHE A 73 -3.13 -0.63 5.63
C PHE A 73 -3.82 -1.57 6.62
N ASP A 74 -4.59 -2.55 6.12
CA ASP A 74 -5.15 -3.57 7.01
C ASP A 74 -4.04 -4.42 7.62
N ASN A 75 -3.04 -4.80 6.82
CA ASN A 75 -1.90 -5.53 7.38
C ASN A 75 -1.21 -4.72 8.47
N CYS A 76 -0.98 -3.43 8.19
CA CYS A 76 -0.26 -2.58 9.13
C CYS A 76 -1.00 -2.49 10.46
N GLN A 77 -2.31 -2.28 10.40
CA GLN A 77 -3.15 -2.20 11.59
C GLN A 77 -3.24 -3.54 12.31
N THR A 78 -3.15 -4.66 11.58
CA THR A 78 -3.12 -5.98 12.20
C THR A 78 -1.84 -6.18 13.02
N PHE A 79 -0.71 -5.72 12.51
CA PHE A 79 0.58 -6.05 13.12
C PHE A 79 1.12 -4.96 14.02
N ASN A 80 0.82 -3.69 13.75
CA ASN A 80 1.44 -2.59 14.47
C ASN A 80 0.47 -1.93 15.45
N GLU A 81 1.02 -1.50 16.57
CA GLU A 81 0.26 -0.73 17.54
C GLU A 81 -0.15 0.62 16.98
N ASP A 82 -1.30 1.11 17.42
CA ASP A 82 -1.82 2.37 16.87
C ASP A 82 -0.88 3.54 17.14
N ASP A 83 -0.19 3.55 18.27
CA ASP A 83 0.69 4.64 18.63
C ASP A 83 2.16 4.38 18.29
N SER A 84 2.45 3.30 17.56
CA SER A 84 3.79 3.07 17.04
C SER A 84 4.05 3.97 15.83
N GLU A 85 5.34 4.09 15.47
CA GLU A 85 5.70 4.90 14.31
C GLU A 85 5.05 4.38 13.03
N VAL A 86 5.19 3.08 12.77
CA VAL A 86 4.57 2.48 11.59
C VAL A 86 3.05 2.51 11.71
N GLY A 87 2.53 2.21 12.90
CA GLY A 87 1.08 2.28 13.09
C GLY A 87 0.50 3.64 12.74
N LYS A 88 1.14 4.71 13.23
CA LYS A 88 0.70 6.05 12.88
C LYS A 88 0.76 6.28 11.37
N ALA A 89 1.84 5.83 10.74
CA ALA A 89 2.00 6.06 9.32
C ALA A 89 0.90 5.37 8.52
N GLY A 90 0.49 4.17 8.96
CA GLY A 90 -0.55 3.45 8.22
C GLY A 90 -1.88 4.19 8.24
N HIS A 91 -2.26 4.75 9.40
CA HIS A 91 -3.50 5.51 9.47
C HIS A 91 -3.43 6.75 8.59
N ILE A 92 -2.31 7.47 8.65
CA ILE A 92 -2.12 8.63 7.79
C ILE A 92 -2.28 8.25 6.32
N MET A 93 -1.62 7.16 5.90
CA MET A 93 -1.64 6.77 4.50
C MET A 93 -3.02 6.27 4.08
N ARG A 94 -3.72 5.55 4.95
CA ARG A 94 -5.06 5.07 4.59
C ARG A 94 -5.98 6.24 4.26
N ARG A 95 -5.99 7.27 5.10
CA ARG A 95 -6.80 8.44 4.82
C ARG A 95 -6.35 9.14 3.54
N PHE A 96 -5.03 9.22 3.32
CA PHE A 96 -4.54 9.84 2.09
C PHE A 96 -5.06 9.10 0.86
N PHE A 97 -4.94 7.78 0.87
CA PHE A 97 -5.48 6.98 -0.21
C PHE A 97 -6.97 7.20 -0.36
N GLU A 98 -7.70 7.13 0.75
CA GLU A 98 -9.18 7.30 0.66
C GLU A 98 -9.51 8.68 0.07
N SER A 99 -8.79 9.72 0.50
CA SER A 99 -9.04 11.05 -0.03
C SER A 99 -8.85 11.09 -1.55
N ARG A 100 -7.78 10.49 -2.05
CA ARG A 100 -7.52 10.49 -3.49
C ARG A 100 -8.55 9.66 -4.24
N TRP A 101 -8.92 8.50 -3.68
CA TRP A 101 -9.91 7.64 -4.32
C TRP A 101 -11.24 8.34 -4.47
N GLU A 102 -11.68 9.05 -3.44
CA GLU A 102 -12.96 9.73 -3.51
C GLU A 102 -12.92 10.99 -4.36
N GLU A 103 -11.75 11.37 -4.90
CA GLU A 103 -11.71 12.41 -5.92
C GLU A 103 -12.17 11.91 -7.29
N PHE A 104 -12.15 10.60 -7.52
CA PHE A 104 -12.72 9.98 -8.72
C PHE A 104 -14.04 9.28 -8.46
N TYR A 105 -14.15 8.60 -7.32
CA TYR A 105 -15.34 7.83 -7.01
C TYR A 105 -16.14 8.46 -5.86
#